data_7UH6
#
_entry.id   7UH6
#
_cell.length_a   1.00
_cell.length_b   1.00
_cell.length_c   1.00
_cell.angle_alpha   90.00
_cell.angle_beta   90.00
_cell.angle_gamma   90.00
#
_symmetry.space_group_name_H-M   'P 1'
#
loop_
_entity.id
_entity.type
_entity.pdbx_description
1 polymer 'Glutamate transporter homolog'
2 non-polymer 'ASPARTIC ACID'
3 non-polymer 'SODIUM ION'
#
_entity_poly.entity_id   1
_entity_poly.type   'polypeptide(L)'
_entity_poly.pdbx_seq_one_letter_code
;MGLYRKYIEYPVLQKILIGLILGAIVGLILGHYGYAHAVHTYVKPFGDLFVRLLKMLVMPIVFASLVVGAASISPARLGR
VGVKIVVYYLLTSAFAVTLGIIMARLFNPGAGIHLAVGGQQFQPHQAPPLVHILLDIVPTNPFGALANGQVLPTIFFAII
LGIAITYLMNSENEKVRKSAETLLDAINGLAEAMYKIVNGVMQYAPIGVFALIAHVMAHQGVHVVGELAKVTAAVYVGLT
LQILLVYFVLLKIYGIDPISFIKHAKDAMLTAFVTSSSSGTLPVTMRVAKEMGISEGIYSFTLPLGATINMDGTALYQGV
ATFFIANALGSHLTVGQQLTIVLTAVLASIGTAGVPGAGAIMLAMVLHSVGLPLTDPNVAAAYA(EFC)ILGIDAILDRG
RTMVNVTGDLTGTAIVAKTEGT
;
_entity_poly.pdbx_strand_id   A
#
loop_
_chem_comp.id
_chem_comp.type
_chem_comp.name
_chem_comp.formula
NA non-polymer 'SODIUM ION' 'Na 1'
#
# COMPACT_ATOMS: atom_id res chain seq x y z
N MET A 1 -0.24 9.01 -35.10
CA MET A 1 -0.50 8.35 -33.83
C MET A 1 -0.19 6.86 -33.90
N GLY A 2 0.59 6.48 -34.91
CA GLY A 2 0.95 5.07 -35.07
C GLY A 2 1.80 4.56 -33.92
N LEU A 3 2.81 5.33 -33.50
CA LEU A 3 3.65 4.90 -32.40
C LEU A 3 2.93 5.00 -31.06
N TYR A 4 1.98 5.94 -30.94
CA TYR A 4 1.25 6.10 -29.69
C TYR A 4 0.43 4.86 -29.36
N ARG A 5 -0.22 4.26 -30.38
CA ARG A 5 -1.01 3.07 -30.14
C ARG A 5 -0.15 1.89 -29.69
N LYS A 6 1.02 1.73 -30.30
CA LYS A 6 1.90 0.63 -29.92
C LYS A 6 2.41 0.77 -28.50
N TYR A 7 2.75 2.00 -28.09
CA TYR A 7 3.27 2.22 -26.75
C TYR A 7 2.23 1.89 -25.69
N ILE A 8 0.96 2.26 -25.93
CA ILE A 8 -0.09 1.97 -24.97
C ILE A 8 -0.32 0.46 -24.86
N GLU A 9 -0.37 -0.23 -26.00
CA GLU A 9 -0.65 -1.66 -26.03
C GLU A 9 0.63 -2.42 -25.70
N TYR A 10 0.91 -2.51 -24.40
CA TYR A 10 2.08 -3.20 -23.88
C TYR A 10 1.91 -3.40 -22.37
N PRO A 11 2.42 -4.50 -21.81
CA PRO A 11 2.30 -4.69 -20.35
C PRO A 11 2.88 -3.53 -19.56
N VAL A 12 2.04 -2.92 -18.72
CA VAL A 12 2.48 -1.76 -17.94
C VAL A 12 3.60 -2.14 -16.99
N LEU A 13 3.52 -3.34 -16.42
CA LEU A 13 4.56 -3.79 -15.51
C LEU A 13 5.91 -3.89 -16.20
N GLN A 14 5.92 -4.40 -17.44
CA GLN A 14 7.18 -4.55 -18.17
C GLN A 14 7.83 -3.20 -18.46
N LYS A 15 7.01 -2.20 -18.79
CA LYS A 15 7.57 -0.90 -19.18
C LYS A 15 8.30 -0.23 -18.02
N ILE A 16 7.77 -0.37 -16.80
CA ILE A 16 8.39 0.29 -15.65
C ILE A 16 9.79 -0.27 -15.40
N LEU A 17 9.93 -1.60 -15.46
CA LEU A 17 11.25 -2.20 -15.32
C LEU A 17 12.17 -1.79 -16.45
N ILE A 18 11.63 -1.71 -17.67
CA ILE A 18 12.41 -1.17 -18.78
C ILE A 18 12.77 0.28 -18.53
N GLY A 19 11.82 1.07 -18.05
CA GLY A 19 12.11 2.46 -17.74
C GLY A 19 13.10 2.61 -16.60
N LEU A 20 13.03 1.74 -15.61
CA LEU A 20 13.92 1.84 -14.45
C LEU A 20 15.36 1.58 -14.84
N ILE A 21 15.61 0.50 -15.59
CA ILE A 21 16.98 0.14 -15.94
C ILE A 21 17.58 1.18 -16.90
N LEU A 22 16.76 1.73 -17.79
CA LEU A 22 17.25 2.77 -18.69
C LEU A 22 17.62 4.03 -17.93
N GLY A 23 16.83 4.39 -16.92
CA GLY A 23 17.13 5.58 -16.14
C GLY A 23 18.44 5.48 -15.38
N ALA A 24 18.72 4.30 -14.82
CA ALA A 24 19.95 4.12 -14.06
C ALA A 24 21.17 4.29 -14.95
N ILE A 25 21.14 3.73 -16.16
CA ILE A 25 22.29 3.82 -17.06
C ILE A 25 22.54 5.26 -17.46
N VAL A 26 21.48 6.00 -17.79
CA VAL A 26 21.64 7.39 -18.24
C VAL A 26 22.24 8.24 -17.14
N GLY A 27 21.78 8.07 -15.90
CA GLY A 27 22.27 8.90 -14.82
C GLY A 27 23.74 8.71 -14.54
N LEU A 28 24.19 7.45 -14.46
CA LEU A 28 25.59 7.18 -14.18
C LEU A 28 26.49 7.65 -15.31
N ILE A 29 26.09 7.40 -16.55
CA ILE A 29 26.90 7.81 -17.70
C ILE A 29 27.03 9.33 -17.75
N LEU A 30 25.92 10.04 -17.57
CA LEU A 30 25.99 11.49 -17.53
C LEU A 30 26.79 11.98 -16.33
N GLY A 31 26.56 11.37 -15.16
CA GLY A 31 27.26 11.81 -13.97
C GLY A 31 28.76 11.65 -14.07
N HIS A 32 29.23 10.61 -14.77
CA HIS A 32 30.66 10.43 -14.95
C HIS A 32 31.28 11.56 -15.76
N TYR A 33 30.52 12.15 -16.68
CA TYR A 33 30.98 13.26 -17.51
C TYR A 33 30.57 14.61 -16.96
N GLY A 34 29.91 14.65 -15.81
CA GLY A 34 29.46 15.90 -15.22
C GLY A 34 28.01 16.16 -15.54
N TYR A 35 27.72 17.37 -16.06
CA TYR A 35 26.37 17.75 -16.47
C TYR A 35 25.35 17.59 -15.34
N ALA A 36 25.78 17.81 -14.10
CA ALA A 36 24.87 17.68 -12.97
C ALA A 36 23.75 18.71 -13.06
N HIS A 37 24.07 19.95 -13.44
CA HIS A 37 23.06 20.98 -13.59
C HIS A 37 22.17 20.74 -14.81
N ALA A 38 22.63 19.95 -15.79
CA ALA A 38 21.84 19.71 -16.98
C ALA A 38 20.59 18.91 -16.66
N VAL A 39 20.75 17.78 -15.96
CA VAL A 39 19.60 16.95 -15.62
C VAL A 39 18.69 17.64 -14.63
N HIS A 40 19.28 18.42 -13.70
CA HIS A 40 18.49 19.10 -12.68
C HIS A 40 17.53 20.13 -13.27
N THR A 41 17.83 20.65 -14.46
CA THR A 41 17.03 21.73 -15.04
C THR A 41 16.21 21.30 -16.25
N TYR A 42 16.46 20.13 -16.82
CA TYR A 42 15.78 19.73 -18.04
C TYR A 42 14.92 18.48 -17.87
N VAL A 43 15.44 17.44 -17.21
CA VAL A 43 14.69 16.20 -17.06
C VAL A 43 14.02 16.08 -15.69
N LYS A 44 14.40 16.89 -14.72
CA LYS A 44 13.74 16.85 -13.41
C LYS A 44 12.25 17.17 -13.46
N PRO A 45 11.77 18.19 -14.20
CA PRO A 45 10.35 18.53 -14.12
C PRO A 45 9.41 17.38 -14.49
N PHE A 46 9.85 16.43 -15.31
CA PHE A 46 9.02 15.27 -15.61
C PHE A 46 8.75 14.45 -14.35
N GLY A 47 9.77 14.30 -13.49
CA GLY A 47 9.57 13.58 -12.26
C GLY A 47 8.63 14.27 -11.30
N ASP A 48 8.73 15.61 -11.21
CA ASP A 48 7.86 16.35 -10.30
C ASP A 48 6.40 16.29 -10.74
N LEU A 49 6.15 16.27 -12.05
CA LEU A 49 4.77 16.18 -12.53
C LEU A 49 4.13 14.86 -12.11
N PHE A 50 4.88 13.76 -12.18
CA PHE A 50 4.33 12.47 -11.76
C PHE A 50 4.02 12.46 -10.27
N VAL A 51 4.87 13.11 -9.46
CA VAL A 51 4.61 13.18 -8.02
C VAL A 51 3.33 13.94 -7.75
N ARG A 52 3.12 15.05 -8.46
CA ARG A 52 1.89 15.82 -8.28
C ARG A 52 0.66 15.05 -8.76
N LEU A 53 0.81 14.20 -9.78
CA LEU A 53 -0.32 13.42 -10.25
C LEU A 53 -0.82 12.45 -9.19
N LEU A 54 0.10 11.77 -8.49
CA LEU A 54 -0.31 10.84 -7.45
C LEU A 54 -1.01 11.55 -6.31
N LYS A 55 -0.49 12.72 -5.89
CA LYS A 55 -1.10 13.46 -4.80
C LYS A 55 -2.45 14.04 -5.16
N MET A 56 -2.76 14.13 -6.46
CA MET A 56 -4.02 14.75 -6.88
C MET A 56 -5.23 13.91 -6.45
N LEU A 57 -5.16 12.59 -6.65
CA LEU A 57 -6.32 11.74 -6.47
C LEU A 57 -6.31 10.99 -5.14
N VAL A 58 -5.38 11.31 -4.23
CA VAL A 58 -5.40 10.67 -2.92
C VAL A 58 -6.63 11.08 -2.14
N MET A 59 -6.92 12.38 -2.09
CA MET A 59 -8.06 12.86 -1.30
C MET A 59 -9.39 12.37 -1.86
N PRO A 60 -9.71 12.52 -3.15
CA PRO A 60 -11.03 12.07 -3.63
C PRO A 60 -11.26 10.58 -3.50
N ILE A 61 -10.20 9.77 -3.51
CA ILE A 61 -10.39 8.32 -3.49
C ILE A 61 -10.51 7.81 -2.06
N VAL A 62 -9.98 8.55 -1.09
CA VAL A 62 -10.11 8.13 0.31
C VAL A 62 -11.54 8.31 0.78
N PHE A 63 -12.17 9.44 0.45
CA PHE A 63 -13.51 9.72 0.92
C PHE A 63 -14.53 8.81 0.26
N ALA A 64 -14.44 8.65 -1.06
CA ALA A 64 -15.48 7.93 -1.80
C ALA A 64 -15.43 6.43 -1.51
N SER A 65 -14.23 5.87 -1.38
CA SER A 65 -14.12 4.42 -1.19
C SER A 65 -14.65 4.00 0.18
N LEU A 66 -14.39 4.80 1.22
CA LEU A 66 -14.85 4.44 2.55
C LEU A 66 -16.37 4.49 2.67
N VAL A 67 -16.99 5.49 2.05
CA VAL A 67 -18.45 5.63 2.12
C VAL A 67 -19.13 4.42 1.48
N VAL A 68 -18.66 4.01 0.31
CA VAL A 68 -19.23 2.84 -0.35
C VAL A 68 -18.93 1.58 0.45
N GLY A 69 -17.71 1.45 0.96
CA GLY A 69 -17.35 0.25 1.70
C GLY A 69 -18.10 0.10 3.01
N ALA A 70 -18.23 1.18 3.76
CA ALA A 70 -18.89 1.10 5.06
C ALA A 70 -20.38 0.82 4.91
N ALA A 71 -21.03 1.43 3.90
CA ALA A 71 -22.46 1.24 3.72
C ALA A 71 -22.81 -0.20 3.37
N SER A 72 -22.00 -0.84 2.54
CA SER A 72 -22.29 -2.20 2.12
C SER A 72 -22.20 -3.18 3.28
N ILE A 73 -21.21 -3.02 4.14
CA ILE A 73 -21.00 -3.95 5.25
C ILE A 73 -22.05 -3.70 6.32
N SER A 74 -22.74 -4.77 6.74
CA SER A 74 -23.76 -4.69 7.77
C SER A 74 -23.42 -5.62 8.92
N PRO A 75 -23.70 -5.21 10.17
CA PRO A 75 -23.36 -6.07 11.32
C PRO A 75 -24.26 -7.29 11.43
N ALA A 76 -23.72 -8.46 11.10
CA ALA A 76 -24.45 -9.72 11.20
C ALA A 76 -23.91 -10.60 12.32
N ARG A 77 -23.14 -10.03 13.25
CA ARG A 77 -22.57 -10.73 14.39
C ARG A 77 -21.59 -11.83 13.95
N LEU A 78 -21.33 -11.93 12.66
CA LEU A 78 -20.39 -12.87 12.06
C LEU A 78 -20.73 -14.32 12.38
N GLY A 79 -21.94 -14.60 12.84
CA GLY A 79 -22.28 -15.96 13.23
C GLY A 79 -21.41 -16.42 14.39
N ARG A 80 -20.85 -17.61 14.26
CA ARG A 80 -19.97 -18.19 15.27
C ARG A 80 -18.53 -18.28 14.83
N VAL A 81 -18.28 -18.74 13.60
CA VAL A 81 -16.91 -18.89 13.14
C VAL A 81 -16.34 -17.55 12.69
N GLY A 82 -17.20 -16.57 12.40
CA GLY A 82 -16.72 -15.30 11.88
C GLY A 82 -15.84 -14.56 12.87
N VAL A 83 -16.16 -14.66 14.16
CA VAL A 83 -15.32 -14.00 15.17
C VAL A 83 -13.93 -14.62 15.18
N LYS A 84 -13.84 -15.92 14.88
CA LYS A 84 -12.53 -16.55 14.73
C LYS A 84 -11.85 -16.12 13.45
N ILE A 85 -12.63 -15.75 12.43
CA ILE A 85 -12.06 -15.34 11.15
C ILE A 85 -11.37 -14.00 11.28
N VAL A 86 -12.08 -13.00 11.82
CA VAL A 86 -11.56 -11.63 11.83
C VAL A 86 -10.36 -11.51 12.76
N VAL A 87 -10.35 -12.25 13.87
CA VAL A 87 -9.24 -12.14 14.81
C VAL A 87 -7.96 -12.70 14.20
N TYR A 88 -8.06 -13.66 13.28
CA TYR A 88 -6.87 -14.29 12.73
C TYR A 88 -6.00 -13.29 11.99
N TYR A 89 -6.60 -12.47 11.13
CA TYR A 89 -5.81 -11.57 10.30
C TYR A 89 -5.23 -10.42 11.11
N LEU A 90 -5.96 -9.95 12.12
CA LEU A 90 -5.48 -8.83 12.93
C LEU A 90 -4.17 -9.16 13.63
N LEU A 91 -4.06 -10.37 14.19
CA LEU A 91 -2.82 -10.75 14.87
C LEU A 91 -1.67 -10.92 13.87
N THR A 92 -1.95 -11.50 12.70
CA THR A 92 -0.89 -11.75 11.73
C THR A 92 -0.29 -10.46 11.19
N SER A 93 -1.11 -9.41 11.03
CA SER A 93 -0.58 -8.14 10.54
C SER A 93 0.43 -7.55 11.53
N ALA A 94 0.16 -7.70 12.83
CA ALA A 94 1.08 -7.18 13.83
C ALA A 94 2.43 -7.88 13.75
N PHE A 95 2.43 -9.19 13.53
CA PHE A 95 3.69 -9.92 13.43
C PHE A 95 4.52 -9.44 12.24
N ALA A 96 3.89 -9.20 11.10
CA ALA A 96 4.62 -8.79 9.91
C ALA A 96 5.30 -7.43 10.14
N VAL A 97 4.58 -6.48 10.71
CA VAL A 97 5.19 -5.17 10.98
C VAL A 97 6.28 -5.28 12.03
N THR A 98 6.07 -6.15 13.03
CA THR A 98 7.09 -6.33 14.07
C THR A 98 8.36 -6.92 13.48
N LEU A 99 8.24 -7.87 12.56
CA LEU A 99 9.41 -8.45 11.91
C LEU A 99 10.18 -7.41 11.09
N GLY A 100 9.49 -6.38 10.61
CA GLY A 100 10.15 -5.39 9.77
C GLY A 100 11.24 -4.63 10.51
N ILE A 101 11.01 -4.35 11.79
CA ILE A 101 11.95 -3.53 12.55
C ILE A 101 13.29 -4.26 12.74
N ILE A 102 13.23 -5.54 13.11
CA ILE A 102 14.47 -6.26 13.42
C ILE A 102 15.27 -6.51 12.14
N MET A 103 14.60 -6.87 11.05
CA MET A 103 15.30 -7.06 9.79
C MET A 103 15.86 -5.77 9.24
N ALA A 104 15.14 -4.66 9.40
CA ALA A 104 15.64 -3.37 8.95
C ALA A 104 16.90 -2.98 9.71
N ARG A 105 16.91 -3.21 11.02
CA ARG A 105 18.11 -2.95 11.80
C ARG A 105 19.25 -3.86 11.39
N LEU A 106 18.94 -5.07 10.90
CA LEU A 106 19.98 -6.00 10.48
C LEU A 106 20.77 -5.45 9.30
N PHE A 107 20.08 -4.84 8.34
CA PHE A 107 20.73 -4.30 7.14
C PHE A 107 20.99 -2.81 7.21
N ASN A 108 20.14 -2.06 7.92
CA ASN A 108 20.25 -0.62 8.12
C ASN A 108 20.27 0.02 6.73
N PRO A 109 19.12 0.08 6.05
CA PRO A 109 19.08 0.78 4.77
C PRO A 109 19.04 2.28 4.95
N GLY A 110 19.45 2.98 3.88
CA GLY A 110 19.40 4.43 3.87
C GLY A 110 20.58 5.13 4.52
N ALA A 111 21.61 4.40 4.95
CA ALA A 111 22.76 5.02 5.55
C ALA A 111 23.60 5.73 4.49
N GLY A 112 24.21 6.84 4.88
CA GLY A 112 25.13 7.55 4.00
C GLY A 112 24.52 8.14 2.75
N ILE A 113 23.38 8.81 2.86
CA ILE A 113 22.76 9.52 1.75
C ILE A 113 22.84 11.04 1.94
N HIS A 114 22.56 11.50 3.16
CA HIS A 114 22.76 12.90 3.55
C HIS A 114 21.95 13.86 2.66
N LEU A 115 20.62 13.73 2.79
CA LEU A 115 19.73 14.61 2.05
C LEU A 115 19.88 16.05 2.50
N ALA A 116 20.12 16.94 1.53
CA ALA A 116 20.21 18.38 1.78
C ALA A 116 19.49 19.16 0.69
N VAL A 117 18.32 18.67 0.28
CA VAL A 117 17.59 19.29 -0.82
C VAL A 117 17.17 20.70 -0.45
N GLY A 118 16.65 20.88 0.76
CA GLY A 118 16.18 22.18 1.21
C GLY A 118 17.25 23.08 1.77
N GLY A 119 18.51 22.68 1.73
CA GLY A 119 19.60 23.45 2.30
C GLY A 119 19.91 23.14 3.75
N GLN A 120 19.09 22.32 4.41
CA GLN A 120 19.32 21.94 5.78
C GLN A 120 18.67 20.59 6.04
N GLN A 121 19.18 19.87 7.03
CA GLN A 121 18.62 18.58 7.39
C GLN A 121 17.25 18.75 8.03
N PHE A 122 16.42 17.73 7.91
CA PHE A 122 15.10 17.74 8.52
C PHE A 122 15.22 17.84 10.04
N GLN A 123 14.42 18.71 10.63
CA GLN A 123 14.38 18.88 12.08
C GLN A 123 13.04 18.41 12.61
N PRO A 124 12.97 17.36 13.42
CA PRO A 124 11.70 16.92 13.97
C PRO A 124 11.07 17.99 14.84
N HIS A 125 9.74 18.09 14.77
CA HIS A 125 8.98 19.01 15.59
C HIS A 125 8.34 18.25 16.75
N GLN A 126 8.33 18.86 17.92
CA GLN A 126 7.76 18.21 19.10
C GLN A 126 6.27 17.96 18.91
N ALA A 127 5.85 16.74 19.21
CA ALA A 127 4.44 16.38 19.05
C ALA A 127 3.60 17.07 20.11
N PRO A 128 2.36 17.45 19.77
CA PRO A 128 1.45 18.00 20.77
C PRO A 128 1.02 16.92 21.75
N PRO A 129 0.51 17.31 22.92
CA PRO A 129 0.05 16.31 23.89
C PRO A 129 -1.05 15.44 23.28
N LEU A 130 -1.07 14.17 23.71
CA LEU A 130 -1.96 13.18 23.11
C LEU A 130 -3.43 13.59 23.20
N VAL A 131 -3.80 14.40 24.18
CA VAL A 131 -5.19 14.83 24.30
C VAL A 131 -5.61 15.64 23.08
N HIS A 132 -4.73 16.50 22.59
CA HIS A 132 -5.07 17.32 21.42
C HIS A 132 -5.16 16.47 20.16
N ILE A 133 -4.32 15.44 20.04
CA ILE A 133 -4.32 14.62 18.84
C ILE A 133 -5.64 13.86 18.69
N LEU A 134 -6.13 13.28 19.78
CA LEU A 134 -7.36 12.50 19.71
C LEU A 134 -8.58 13.40 19.48
N LEU A 135 -8.62 14.56 20.13
CA LEU A 135 -9.76 15.46 19.97
C LEU A 135 -9.84 16.05 18.56
N ASP A 136 -8.77 15.95 17.78
CA ASP A 136 -8.75 16.48 16.42
C ASP A 136 -9.23 15.48 15.39
N ILE A 137 -9.53 14.25 15.79
CA ILE A 137 -10.08 13.27 14.84
C ILE A 137 -11.47 13.70 14.40
N VAL A 138 -12.27 14.24 15.32
CA VAL A 138 -13.61 14.72 15.01
C VAL A 138 -13.50 16.05 14.28
N PRO A 139 -14.01 16.17 13.06
CA PRO A 139 -13.87 17.43 12.31
C PRO A 139 -14.89 18.46 12.79
N THR A 140 -14.42 19.66 13.10
CA THR A 140 -15.34 20.74 13.45
C THR A 140 -16.12 21.21 12.23
N ASN A 141 -15.63 20.92 11.03
CA ASN A 141 -16.32 21.26 9.79
C ASN A 141 -16.11 20.12 8.80
N PRO A 142 -17.14 19.36 8.46
CA PRO A 142 -16.93 18.22 7.54
C PRO A 142 -16.37 18.62 6.19
N PHE A 143 -16.76 19.78 5.66
CA PHE A 143 -16.20 20.24 4.40
C PHE A 143 -14.78 20.80 4.58
N GLY A 144 -14.47 21.31 5.76
CA GLY A 144 -13.14 21.88 5.98
C GLY A 144 -12.03 20.86 5.92
N ALA A 145 -12.30 19.62 6.34
CA ALA A 145 -11.28 18.58 6.31
C ALA A 145 -10.88 18.24 4.89
N LEU A 146 -11.85 18.22 3.96
CA LEU A 146 -11.55 17.88 2.57
C LEU A 146 -10.75 18.98 1.90
N ALA A 147 -11.17 20.24 2.07
CA ALA A 147 -10.53 21.34 1.37
C ALA A 147 -9.12 21.59 1.87
N ASN A 148 -8.93 21.61 3.19
CA ASN A 148 -7.62 21.90 3.76
C ASN A 148 -6.66 20.74 3.64
N GLY A 149 -7.14 19.53 3.36
CA GLY A 149 -6.29 18.39 3.12
C GLY A 149 -6.09 17.44 4.29
N GLN A 150 -6.79 17.65 5.40
CA GLN A 150 -6.68 16.71 6.51
C GLN A 150 -7.26 15.36 6.12
N VAL A 151 -6.56 14.30 6.50
CA VAL A 151 -6.94 12.93 6.14
C VAL A 151 -7.67 12.23 7.27
N LEU A 152 -7.15 12.34 8.49
CA LEU A 152 -7.78 11.67 9.63
C LEU A 152 -9.21 12.16 9.87
N PRO A 153 -9.50 13.45 9.91
CA PRO A 153 -10.92 13.86 10.05
C PRO A 153 -11.82 13.37 8.95
N THR A 154 -11.32 13.27 7.71
CA THR A 154 -12.13 12.79 6.61
C THR A 154 -12.52 11.33 6.81
N ILE A 155 -11.58 10.50 7.28
CA ILE A 155 -11.87 9.08 7.50
C ILE A 155 -12.98 8.91 8.52
N PHE A 156 -12.92 9.68 9.61
CA PHE A 156 -13.97 9.59 10.62
C PHE A 156 -15.32 10.02 10.06
N PHE A 157 -15.34 11.10 9.28
CA PHE A 157 -16.61 11.58 8.72
C PHE A 157 -17.15 10.64 7.65
N ALA A 158 -16.26 10.02 6.87
CA ALA A 158 -16.71 9.12 5.82
C ALA A 158 -17.35 7.87 6.40
N ILE A 159 -16.78 7.32 7.48
CA ILE A 159 -17.26 6.06 8.03
C ILE A 159 -18.66 6.23 8.60
N ILE A 160 -18.87 7.27 9.40
CA ILE A 160 -20.18 7.46 10.04
C ILE A 160 -21.24 7.79 9.00
N LEU A 161 -20.86 8.44 7.90
CA LEU A 161 -21.83 8.70 6.83
C LEU A 161 -22.30 7.41 6.20
N GLY A 162 -21.39 6.45 5.99
CA GLY A 162 -21.78 5.17 5.44
C GLY A 162 -22.68 4.38 6.37
N ILE A 163 -22.39 4.45 7.68
CA ILE A 163 -23.23 3.75 8.65
C ILE A 163 -24.60 4.39 8.73
N ALA A 164 -24.67 5.73 8.69
CA ALA A 164 -25.96 6.40 8.77
C ALA A 164 -26.78 6.23 7.50
N ILE A 165 -26.12 6.01 6.36
CA ILE A 165 -26.85 5.93 5.09
C ILE A 165 -27.41 4.54 4.84
N THR A 166 -26.94 3.51 5.54
CA THR A 166 -27.50 2.18 5.35
C THR A 166 -28.77 1.96 6.17
N TYR A 167 -29.05 2.83 7.15
CA TYR A 167 -30.30 2.74 7.87
C TYR A 167 -31.46 3.30 7.06
N LEU A 168 -31.20 4.35 6.27
CA LEU A 168 -32.24 4.93 5.44
C LEU A 168 -32.68 3.97 4.34
N MET A 169 -31.74 3.18 3.82
CA MET A 169 -32.10 2.21 2.78
C MET A 169 -33.05 1.15 3.32
N ASN A 170 -33.02 0.89 4.62
CA ASN A 170 -33.94 -0.05 5.26
C ASN A 170 -35.16 0.64 5.85
N SER A 171 -35.26 1.96 5.73
CA SER A 171 -36.39 2.68 6.30
C SER A 171 -37.68 2.34 5.55
N GLU A 172 -38.80 2.41 6.26
CA GLU A 172 -40.09 2.05 5.68
C GLU A 172 -40.58 3.10 4.70
N ASN A 173 -40.23 4.37 4.91
CA ASN A 173 -40.70 5.43 4.03
C ASN A 173 -40.10 5.27 2.63
N GLU A 174 -40.93 5.41 1.61
CA GLU A 174 -40.46 5.23 0.24
C GLU A 174 -39.60 6.40 -0.23
N LYS A 175 -40.02 7.62 0.10
CA LYS A 175 -39.26 8.79 -0.32
C LYS A 175 -37.87 8.81 0.31
N VAL A 176 -37.78 8.45 1.60
CA VAL A 176 -36.48 8.39 2.26
C VAL A 176 -35.64 7.25 1.67
N ARG A 177 -36.27 6.11 1.40
CA ARG A 177 -35.53 4.98 0.85
C ARG A 177 -34.98 5.29 -0.53
N LYS A 178 -35.79 5.93 -1.39
CA LYS A 178 -35.34 6.26 -2.73
C LYS A 178 -34.22 7.31 -2.70
N SER A 179 -34.33 8.28 -1.80
CA SER A 179 -33.29 9.31 -1.72
C SER A 179 -31.96 8.74 -1.25
N ALA A 180 -32.00 7.72 -0.39
CA ALA A 180 -30.75 7.09 0.05
C ALA A 180 -30.05 6.38 -1.10
N GLU A 181 -30.81 5.71 -1.97
CA GLU A 181 -30.21 5.00 -3.10
C GLU A 181 -29.53 5.96 -4.07
N THR A 182 -30.18 7.09 -4.35
CA THR A 182 -29.60 8.05 -5.30
C THR A 182 -28.31 8.64 -4.75
N LEU A 183 -28.28 8.97 -3.45
CA LEU A 183 -27.07 9.54 -2.87
C LEU A 183 -25.93 8.53 -2.88
N LEU A 184 -26.23 7.26 -2.60
CA LEU A 184 -25.19 6.24 -2.59
C LEU A 184 -24.66 5.97 -4.00
N ASP A 185 -25.54 6.02 -5.01
CA ASP A 185 -25.11 5.76 -6.38
C ASP A 185 -24.19 6.87 -6.89
N ALA A 186 -24.48 8.12 -6.53
CA ALA A 186 -23.64 9.23 -6.98
C ALA A 186 -22.22 9.11 -6.43
N ILE A 187 -22.09 8.77 -5.15
CA ILE A 187 -20.77 8.58 -4.56
C ILE A 187 -20.10 7.36 -5.15
N ASN A 188 -20.87 6.29 -5.41
CA ASN A 188 -20.31 5.10 -6.03
C ASN A 188 -19.77 5.42 -7.43
N GLY A 189 -20.41 6.34 -8.14
CA GLY A 189 -19.89 6.76 -9.43
C GLY A 189 -18.56 7.47 -9.32
N LEU A 190 -18.41 8.33 -8.30
CA LEU A 190 -17.15 9.04 -8.11
C LEU A 190 -16.02 8.08 -7.77
N ALA A 191 -16.30 7.08 -6.93
CA ALA A 191 -15.27 6.10 -6.60
C ALA A 191 -14.86 5.29 -7.83
N GLU A 192 -15.83 4.89 -8.65
CA GLU A 192 -15.51 4.15 -9.87
C GLU A 192 -14.73 5.02 -10.85
N ALA A 193 -15.10 6.30 -10.97
CA ALA A 193 -14.39 7.19 -11.88
C ALA A 193 -12.95 7.39 -11.45
N MET A 194 -12.70 7.44 -10.14
CA MET A 194 -11.33 7.63 -9.66
C MET A 194 -10.45 6.44 -9.98
N TYR A 195 -11.04 5.26 -10.20
CA TYR A 195 -10.24 4.09 -10.54
C TYR A 195 -9.76 4.13 -11.98
N LYS A 196 -10.57 4.68 -12.90
CA LYS A 196 -10.14 4.80 -14.29
C LYS A 196 -8.96 5.75 -14.41
N ILE A 197 -8.95 6.84 -13.61
CA ILE A 197 -7.83 7.77 -13.63
C ILE A 197 -6.56 7.10 -13.14
N VAL A 198 -6.68 6.11 -12.25
CA VAL A 198 -5.50 5.38 -11.78
C VAL A 198 -4.79 4.70 -12.94
N ASN A 199 -5.55 4.09 -13.85
CA ASN A 199 -4.95 3.45 -15.01
C ASN A 199 -4.27 4.47 -15.91
N GLY A 200 -4.87 5.65 -16.07
CA GLY A 200 -4.25 6.67 -16.90
C GLY A 200 -2.91 7.15 -16.36
N VAL A 201 -2.82 7.33 -15.05
CA VAL A 201 -1.57 7.77 -14.44
C VAL A 201 -0.50 6.70 -14.58
N MET A 202 -0.90 5.43 -14.43
CA MET A 202 0.08 4.34 -14.51
C MET A 202 0.72 4.26 -15.88
N GLN A 203 0.04 4.71 -16.93
CA GLN A 203 0.64 4.74 -18.26
C GLN A 203 1.75 5.76 -18.34
N TYR A 204 1.67 6.83 -17.55
CA TYR A 204 2.72 7.84 -17.49
C TYR A 204 3.85 7.45 -16.55
N ALA A 205 3.66 6.40 -15.74
CA ALA A 205 4.69 6.01 -14.79
C ALA A 205 6.05 5.71 -15.43
N PRO A 206 6.15 4.99 -16.55
CA PRO A 206 7.49 4.72 -17.11
C PRO A 206 8.28 5.99 -17.40
N ILE A 207 7.62 7.04 -17.88
CA ILE A 207 8.31 8.32 -18.03
C ILE A 207 8.63 8.93 -16.68
N GLY A 208 7.69 8.84 -15.73
CA GLY A 208 7.93 9.38 -14.41
C GLY A 208 9.02 8.64 -13.66
N VAL A 209 9.03 7.31 -13.76
CA VAL A 209 10.08 6.52 -13.11
C VAL A 209 11.44 6.83 -13.71
N PHE A 210 11.48 7.00 -15.04
CA PHE A 210 12.75 7.31 -15.69
C PHE A 210 13.31 8.64 -15.21
N ALA A 211 12.46 9.64 -15.03
CA ALA A 211 12.94 10.95 -14.59
C ALA A 211 13.45 10.92 -13.15
N LEU A 212 12.72 10.25 -12.26
CA LEU A 212 13.11 10.23 -10.85
C LEU A 212 14.45 9.52 -10.65
N ILE A 213 14.64 8.38 -11.32
CA ILE A 213 15.87 7.62 -11.15
C ILE A 213 17.06 8.40 -11.69
N ALA A 214 16.90 9.02 -12.87
CA ALA A 214 18.01 9.74 -13.49
C ALA A 214 18.46 10.90 -12.62
N HIS A 215 17.50 11.63 -12.03
CA HIS A 215 17.86 12.77 -11.19
C HIS A 215 18.66 12.35 -9.97
N VAL A 216 18.27 11.23 -9.34
CA VAL A 216 18.95 10.78 -8.13
C VAL A 216 20.36 10.30 -8.44
N MET A 217 20.52 9.57 -9.55
CA MET A 217 21.83 9.00 -9.88
C MET A 217 22.89 10.07 -10.08
N ALA A 218 22.53 11.16 -10.77
CA ALA A 218 23.52 12.18 -11.10
C ALA A 218 24.03 12.90 -9.86
N HIS A 219 23.11 13.27 -8.96
CA HIS A 219 23.50 14.06 -7.79
C HIS A 219 24.20 13.20 -6.75
N GLN A 220 23.51 12.19 -6.22
CA GLN A 220 24.09 11.37 -5.16
C GLN A 220 25.28 10.58 -5.66
N GLY A 221 25.20 10.02 -6.86
CA GLY A 221 26.30 9.26 -7.41
C GLY A 221 26.08 7.76 -7.34
N VAL A 222 27.16 7.05 -7.63
CA VAL A 222 27.11 5.58 -7.66
C VAL A 222 26.88 5.02 -6.26
N HIS A 223 27.22 5.78 -5.23
CA HIS A 223 27.10 5.28 -3.86
C HIS A 223 25.64 4.96 -3.51
N VAL A 224 24.71 5.82 -3.93
CA VAL A 224 23.31 5.67 -3.52
C VAL A 224 22.72 4.39 -4.13
N VAL A 225 23.35 3.87 -5.19
CA VAL A 225 22.86 2.64 -5.81
C VAL A 225 22.94 1.48 -4.84
N GLY A 226 24.00 1.44 -4.02
CA GLY A 226 24.17 0.32 -3.11
C GLY A 226 23.06 0.19 -2.09
N GLU A 227 22.63 1.31 -1.51
CA GLU A 227 21.54 1.26 -0.54
C GLU A 227 20.23 0.85 -1.19
N LEU A 228 19.99 1.30 -2.43
CA LEU A 228 18.79 0.89 -3.14
C LEU A 228 18.76 -0.61 -3.37
N ALA A 229 19.94 -1.24 -3.51
CA ALA A 229 19.99 -2.69 -3.58
C ALA A 229 19.70 -3.33 -2.22
N LYS A 230 20.14 -2.69 -1.13
CA LYS A 230 19.91 -3.25 0.19
C LYS A 230 18.42 -3.33 0.51
N VAL A 231 17.68 -2.26 0.25
CA VAL A 231 16.25 -2.27 0.50
C VAL A 231 15.55 -3.23 -0.44
N THR A 232 16.04 -3.37 -1.67
CA THR A 232 15.44 -4.31 -2.61
C THR A 232 15.58 -5.75 -2.12
N ALA A 233 16.77 -6.12 -1.63
CA ALA A 233 16.99 -7.48 -1.17
C ALA A 233 16.34 -7.73 0.19
N ALA A 234 16.26 -6.69 1.02
CA ALA A 234 15.77 -6.87 2.38
C ALA A 234 14.32 -7.34 2.41
N VAL A 235 13.46 -6.75 1.58
CA VAL A 235 12.04 -7.05 1.67
C VAL A 235 11.77 -8.50 1.28
N TYR A 236 12.44 -9.00 0.24
CA TYR A 236 12.18 -10.37 -0.21
C TYR A 236 12.63 -11.40 0.83
N VAL A 237 13.83 -11.24 1.39
CA VAL A 237 14.29 -12.20 2.38
C VAL A 237 13.44 -12.11 3.65
N GLY A 238 12.99 -10.91 4.00
CA GLY A 238 12.07 -10.78 5.12
C GLY A 238 10.73 -11.45 4.86
N LEU A 239 10.20 -11.29 3.64
CA LEU A 239 9.00 -12.02 3.26
C LEU A 239 9.25 -13.52 3.23
N THR A 240 10.42 -13.93 2.72
CA THR A 240 10.73 -15.35 2.61
C THR A 240 10.78 -16.01 3.98
N LEU A 241 11.44 -15.37 4.94
CA LEU A 241 11.50 -15.95 6.29
C LEU A 241 10.13 -15.89 6.96
N GLN A 242 9.34 -14.87 6.67
CA GLN A 242 8.03 -14.73 7.31
C GLN A 242 7.11 -15.88 6.92
N ILE A 243 7.19 -16.33 5.65
CA ILE A 243 6.35 -17.45 5.21
C ILE A 243 6.65 -18.70 6.02
N LEU A 244 7.93 -19.01 6.22
CA LEU A 244 8.29 -20.16 7.03
C LEU A 244 8.10 -19.92 8.52
N LEU A 245 8.17 -18.65 8.96
CA LEU A 245 8.13 -18.37 10.38
C LEU A 245 6.72 -18.56 10.95
N VAL A 246 5.71 -18.05 10.26
CA VAL A 246 4.34 -18.05 10.78
C VAL A 246 3.40 -18.90 9.93
N TYR A 247 3.50 -18.82 8.60
CA TYR A 247 2.60 -19.59 7.75
C TYR A 247 2.92 -21.08 7.82
N PHE A 248 4.20 -21.43 7.90
CA PHE A 248 4.58 -22.83 7.95
C PHE A 248 4.29 -23.44 9.32
N VAL A 249 4.53 -22.68 10.39
CA VAL A 249 4.44 -23.26 11.74
C VAL A 249 3.00 -23.63 12.07
N LEU A 250 2.02 -22.86 11.59
CA LEU A 250 0.63 -23.23 11.83
C LEU A 250 0.28 -24.53 11.12
N LEU A 251 0.85 -24.74 9.94
CA LEU A 251 0.62 -26.00 9.22
C LEU A 251 1.21 -27.18 9.98
N LYS A 252 2.39 -27.02 10.56
CA LYS A 252 3.05 -28.13 11.24
C LYS A 252 2.30 -28.54 12.50
N ILE A 253 1.88 -27.57 13.31
CA ILE A 253 1.21 -27.90 14.58
C ILE A 253 -0.14 -28.54 14.32
N TYR A 254 -0.84 -28.11 13.27
CA TYR A 254 -2.12 -28.70 12.92
C TYR A 254 -1.92 -29.90 12.00
N GLY A 255 -3.02 -30.57 11.66
CA GLY A 255 -2.96 -31.80 10.89
C GLY A 255 -2.79 -31.65 9.40
N ILE A 256 -2.95 -30.44 8.87
CA ILE A 256 -2.85 -30.25 7.43
C ILE A 256 -1.38 -30.33 7.00
N ASP A 257 -1.11 -31.11 5.95
CA ASP A 257 0.25 -31.35 5.50
C ASP A 257 0.70 -30.18 4.62
N PRO A 258 1.73 -29.44 5.02
CA PRO A 258 2.15 -28.29 4.20
C PRO A 258 2.66 -28.65 2.82
N ILE A 259 3.28 -29.81 2.65
CA ILE A 259 3.86 -30.16 1.36
C ILE A 259 2.77 -30.32 0.31
N SER A 260 1.67 -31.00 0.66
CA SER A 260 0.54 -31.08 -0.26
C SER A 260 -0.23 -29.77 -0.34
N PHE A 261 -0.08 -28.90 0.66
CA PHE A 261 -0.81 -27.64 0.66
C PHE A 261 -0.37 -26.74 -0.49
N ILE A 262 0.94 -26.67 -0.76
CA ILE A 262 1.43 -25.81 -1.82
C ILE A 262 1.25 -26.47 -3.19
N LYS A 263 1.13 -27.80 -3.22
CA LYS A 263 0.99 -28.50 -4.50
C LYS A 263 -0.30 -28.10 -5.20
N HIS A 264 -1.42 -28.09 -4.47
CA HIS A 264 -2.68 -27.67 -5.07
C HIS A 264 -2.74 -26.17 -5.28
N ALA A 265 -2.03 -25.41 -4.44
CA ALA A 265 -2.06 -23.95 -4.50
C ALA A 265 -0.96 -23.37 -5.39
N LYS A 266 -0.14 -24.22 -6.02
CA LYS A 266 1.00 -23.74 -6.78
C LYS A 266 0.56 -22.80 -7.90
N ASP A 267 -0.51 -23.16 -8.61
CA ASP A 267 -1.00 -22.29 -9.67
C ASP A 267 -1.53 -20.97 -9.12
N ALA A 268 -2.06 -21.00 -7.90
CA ALA A 268 -2.70 -19.81 -7.33
C ALA A 268 -1.72 -18.66 -7.16
N MET A 269 -0.58 -18.92 -6.52
CA MET A 269 0.41 -17.86 -6.31
C MET A 269 1.02 -17.43 -7.64
N LEU A 270 1.30 -18.38 -8.53
CA LEU A 270 1.95 -18.05 -9.79
C LEU A 270 1.08 -17.13 -10.63
N THR A 271 -0.23 -17.39 -10.69
CA THR A 271 -1.13 -16.52 -11.43
C THR A 271 -1.17 -15.13 -10.81
N ALA A 272 -1.24 -15.05 -9.48
CA ALA A 272 -1.24 -13.76 -8.80
C ALA A 272 0.08 -13.03 -9.01
N PHE A 273 1.20 -13.77 -9.00
CA PHE A 273 2.50 -13.15 -9.16
C PHE A 273 2.62 -12.45 -10.51
N VAL A 274 2.13 -13.10 -11.58
CA VAL A 274 2.20 -12.51 -12.91
C VAL A 274 1.33 -11.26 -13.00
N THR A 275 0.08 -11.36 -12.54
CA THR A 275 -0.84 -10.23 -12.68
C THR A 275 -0.56 -9.13 -11.67
N SER A 276 -0.04 -9.48 -10.48
CA SER A 276 0.27 -8.52 -9.44
C SER A 276 -0.93 -7.66 -9.07
N SER A 277 -2.09 -8.31 -8.93
CA SER A 277 -3.32 -7.59 -8.54
C SER A 277 -4.16 -8.57 -7.71
N SER A 278 -4.02 -8.48 -6.38
CA SER A 278 -4.70 -9.43 -5.50
C SER A 278 -6.22 -9.31 -5.62
N SER A 279 -6.74 -8.08 -5.68
CA SER A 279 -8.18 -7.89 -5.78
C SER A 279 -8.71 -8.47 -7.08
N GLY A 280 -8.01 -8.26 -8.19
CA GLY A 280 -8.44 -8.79 -9.46
C GLY A 280 -8.16 -10.26 -9.68
N THR A 281 -7.38 -10.87 -8.79
CA THR A 281 -7.02 -12.31 -8.95
C THR A 281 -8.08 -13.18 -8.26
N LEU A 282 -9.25 -12.61 -7.93
CA LEU A 282 -10.28 -13.37 -7.24
C LEU A 282 -10.74 -14.64 -7.95
N PRO A 283 -10.97 -14.67 -9.28
CA PRO A 283 -11.59 -15.87 -9.86
C PRO A 283 -10.82 -17.16 -9.61
N VAL A 284 -9.49 -17.10 -9.63
CA VAL A 284 -8.71 -18.31 -9.35
C VAL A 284 -8.84 -18.68 -7.88
N THR A 285 -9.06 -17.69 -6.99
CA THR A 285 -9.26 -18.00 -5.58
C THR A 285 -10.52 -18.84 -5.37
N MET A 286 -11.61 -18.47 -6.05
CA MET A 286 -12.80 -19.31 -5.99
C MET A 286 -12.63 -20.58 -6.82
N ARG A 287 -11.77 -20.55 -7.84
CA ARG A 287 -11.53 -21.74 -8.64
C ARG A 287 -10.94 -22.86 -7.80
N VAL A 288 -9.87 -22.58 -7.06
CA VAL A 288 -9.30 -23.57 -6.17
C VAL A 288 -10.20 -23.80 -4.97
N ALA A 289 -11.04 -22.82 -4.62
CA ALA A 289 -11.94 -22.98 -3.47
C ALA A 289 -12.95 -24.09 -3.72
N LYS A 290 -13.48 -24.18 -4.93
CA LYS A 290 -14.52 -25.15 -5.24
C LYS A 290 -13.96 -26.53 -5.57
N GLU A 291 -12.65 -26.66 -5.77
CA GLU A 291 -12.05 -27.96 -6.04
C GLU A 291 -11.21 -28.50 -4.89
N MET A 292 -11.22 -27.84 -3.73
CA MET A 292 -10.72 -28.45 -2.50
C MET A 292 -11.56 -29.64 -2.05
N GLY A 293 -12.77 -29.80 -2.58
CA GLY A 293 -13.64 -30.88 -2.16
C GLY A 293 -14.12 -30.77 -0.74
N ILE A 294 -14.40 -29.56 -0.26
CA ILE A 294 -14.89 -29.30 1.08
C ILE A 294 -16.02 -28.29 1.00
N SER A 295 -16.50 -27.87 2.17
CA SER A 295 -17.68 -27.02 2.24
C SER A 295 -17.44 -25.67 1.56
N GLU A 296 -18.49 -25.17 0.90
CA GLU A 296 -18.41 -23.89 0.22
C GLU A 296 -18.98 -22.75 1.06
N GLY A 297 -19.87 -23.07 2.01
CA GLY A 297 -20.48 -22.03 2.82
C GLY A 297 -19.48 -21.21 3.60
N ILE A 298 -18.41 -21.86 4.08
CA ILE A 298 -17.32 -21.13 4.73
C ILE A 298 -16.66 -20.19 3.74
N TYR A 299 -16.52 -20.61 2.48
CA TYR A 299 -15.93 -19.80 1.43
C TYR A 299 -16.84 -18.69 0.94
N SER A 300 -18.11 -18.68 1.36
CA SER A 300 -19.02 -17.63 0.90
C SER A 300 -18.63 -16.26 1.43
N PHE A 301 -17.98 -16.21 2.60
CA PHE A 301 -17.65 -14.93 3.24
C PHE A 301 -16.17 -14.74 3.50
N THR A 302 -15.39 -15.81 3.61
CA THR A 302 -13.98 -15.66 3.94
C THR A 302 -13.21 -14.94 2.82
N LEU A 303 -13.41 -15.39 1.58
CA LEU A 303 -12.69 -14.77 0.46
C LEU A 303 -13.05 -13.30 0.26
N PRO A 304 -14.33 -12.90 0.20
CA PRO A 304 -14.62 -11.47 0.07
C PRO A 304 -14.09 -10.63 1.23
N LEU A 305 -14.13 -11.17 2.45
CA LEU A 305 -13.61 -10.44 3.61
C LEU A 305 -12.09 -10.35 3.55
N GLY A 306 -11.42 -11.47 3.27
CA GLY A 306 -9.97 -11.50 3.27
C GLY A 306 -9.31 -10.84 2.09
N ALA A 307 -10.13 -10.37 1.14
CA ALA A 307 -9.59 -9.65 -0.03
C ALA A 307 -8.86 -8.39 0.42
N THR A 308 -9.50 -7.56 1.24
CA THR A 308 -8.89 -6.26 1.65
C THR A 308 -8.32 -6.36 3.07
N ILE A 309 -8.93 -7.15 3.95
CA ILE A 309 -8.50 -7.19 5.38
C ILE A 309 -7.05 -7.70 5.46
N ASN A 310 -6.71 -8.76 4.74
CA ASN A 310 -5.36 -9.35 4.86
C ASN A 310 -4.41 -8.71 3.85
N MET A 311 -3.37 -8.02 4.31
CA MET A 311 -2.36 -7.39 3.41
C MET A 311 -0.99 -7.47 4.09
N ASP A 312 -0.56 -8.66 4.49
CA ASP A 312 0.72 -8.79 5.25
C ASP A 312 1.89 -8.31 4.41
N GLY A 313 1.94 -8.67 3.13
CA GLY A 313 3.11 -8.31 2.29
C GLY A 313 3.27 -6.81 2.20
N THR A 314 2.17 -6.09 1.92
CA THR A 314 2.23 -4.61 1.83
C THR A 314 2.64 -4.04 3.18
N ALA A 315 2.20 -4.68 4.27
CA ALA A 315 2.50 -4.17 5.63
C ALA A 315 4.02 -4.12 5.83
N LEU A 316 4.73 -5.18 5.42
CA LEU A 316 6.21 -5.18 5.54
C LEU A 316 6.77 -4.01 4.72
N TYR A 317 6.24 -3.81 3.51
CA TYR A 317 6.68 -2.69 2.65
C TYR A 317 6.46 -1.37 3.39
N GLN A 318 5.29 -1.20 3.99
CA GLN A 318 4.96 0.08 4.69
C GLN A 318 5.98 0.29 5.80
N GLY A 319 6.20 -0.72 6.64
CA GLY A 319 7.11 -0.57 7.78
C GLY A 319 8.54 -0.29 7.35
N VAL A 320 9.05 -1.07 6.39
CA VAL A 320 10.48 -0.93 5.97
C VAL A 320 10.67 0.47 5.38
N ALA A 321 9.72 0.93 4.56
CA ALA A 321 9.85 2.26 3.91
C ALA A 321 9.90 3.34 4.99
N THR A 322 9.02 3.24 5.99
CA THR A 322 8.95 4.28 7.05
C THR A 322 10.32 4.35 7.73
N PHE A 323 10.94 3.20 8.01
CA PHE A 323 12.26 3.17 8.68
C PHE A 323 13.34 3.67 7.71
N PHE A 324 13.24 3.30 6.43
CA PHE A 324 14.27 3.67 5.46
C PHE A 324 14.34 5.18 5.27
N ILE A 325 13.18 5.85 5.21
CA ILE A 325 13.16 7.28 5.00
C ILE A 325 13.82 8.00 6.16
N ALA A 326 13.60 7.51 7.39
CA ALA A 326 14.17 8.17 8.57
C ALA A 326 15.69 8.15 8.53
N ASN A 327 16.28 7.03 8.10
CA ASN A 327 17.74 6.97 7.99
C ASN A 327 18.26 7.93 6.94
N ALA A 328 17.58 8.02 5.81
CA ALA A 328 18.00 8.95 4.75
C ALA A 328 17.93 10.38 5.23
N LEU A 329 16.86 10.75 5.93
CA LEU A 329 16.73 12.10 6.47
C LEU A 329 17.63 12.35 7.66
N GLY A 330 18.23 11.30 8.23
CA GLY A 330 19.10 11.46 9.38
C GLY A 330 18.39 11.54 10.72
N SER A 331 17.07 11.39 10.74
CA SER A 331 16.30 11.46 11.97
C SER A 331 16.10 10.04 12.51
N HIS A 332 16.75 9.74 13.63
CA HIS A 332 16.61 8.42 14.24
C HIS A 332 15.23 8.25 14.85
N LEU A 333 14.72 7.03 14.81
CA LEU A 333 13.42 6.72 15.37
C LEU A 333 13.59 6.27 16.81
N THR A 334 12.93 6.96 17.73
CA THR A 334 13.00 6.61 19.14
C THR A 334 12.13 5.39 19.44
N VAL A 335 12.25 4.89 20.67
CA VAL A 335 11.47 3.72 21.07
C VAL A 335 9.98 4.03 21.01
N GLY A 336 9.59 5.21 21.51
CA GLY A 336 8.18 5.58 21.49
C GLY A 336 7.62 5.66 20.08
N GLN A 337 8.43 6.12 19.13
CA GLN A 337 8.00 6.18 17.74
C GLN A 337 7.87 4.79 17.13
N GLN A 338 8.72 3.85 17.55
CA GLN A 338 8.62 2.50 17.01
C GLN A 338 7.33 1.81 17.44
N LEU A 339 6.83 2.13 18.64
CA LEU A 339 5.58 1.52 19.10
C LEU A 339 4.40 1.93 18.23
N THR A 340 4.35 3.19 17.81
CA THR A 340 3.22 3.64 17.00
C THR A 340 3.33 3.19 15.55
N ILE A 341 4.46 2.60 15.14
CA ILE A 341 4.57 2.08 13.79
C ILE A 341 3.62 0.89 13.59
N VAL A 342 3.66 -0.07 14.52
CA VAL A 342 2.87 -1.28 14.34
C VAL A 342 1.37 -0.97 14.45
N LEU A 343 1.00 -0.06 15.36
CA LEU A 343 -0.40 0.31 15.47
C LEU A 343 -0.90 0.99 14.19
N THR A 344 -0.09 1.90 13.64
CA THR A 344 -0.52 2.62 12.44
C THR A 344 -0.47 1.73 11.21
N ALA A 345 0.61 0.94 11.07
CA ALA A 345 0.77 0.13 9.86
C ALA A 345 -0.31 -0.93 9.74
N VAL A 346 -0.67 -1.59 10.85
CA VAL A 346 -1.65 -2.65 10.80
C VAL A 346 -3.00 -2.11 10.36
N LEU A 347 -3.42 -0.98 10.93
CA LEU A 347 -4.67 -0.37 10.51
C LEU A 347 -4.56 0.20 9.10
N ALA A 348 -3.37 0.66 8.73
CA ALA A 348 -3.15 1.13 7.36
C ALA A 348 -3.30 -0.01 6.35
N SER A 349 -2.77 -1.19 6.68
CA SER A 349 -2.87 -2.33 5.77
C SER A 349 -4.32 -2.74 5.56
N ILE A 350 -5.21 -2.41 6.51
CA ILE A 350 -6.62 -2.75 6.35
C ILE A 350 -7.23 -1.95 5.21
N GLY A 351 -6.89 -0.67 5.11
CA GLY A 351 -7.51 0.20 4.11
C GLY A 351 -6.99 0.04 2.71
N THR A 352 -5.94 -0.75 2.51
CA THR A 352 -5.38 -0.93 1.17
C THR A 352 -6.38 -1.60 0.26
N ALA A 353 -6.51 -1.08 -0.96
CA ALA A 353 -7.50 -1.58 -1.90
C ALA A 353 -7.16 -2.99 -2.37
N GLY A 354 -5.91 -3.23 -2.74
CA GLY A 354 -5.45 -4.51 -3.25
C GLY A 354 -4.89 -4.45 -4.66
N VAL A 355 -5.32 -3.46 -5.44
CA VAL A 355 -4.81 -3.26 -6.80
C VAL A 355 -3.35 -2.81 -6.69
N PRO A 356 -2.52 -3.07 -7.70
CA PRO A 356 -1.12 -2.65 -7.62
C PRO A 356 -1.00 -1.13 -7.51
N GLY A 357 0.00 -0.70 -6.72
CA GLY A 357 0.24 0.71 -6.48
C GLY A 357 -0.52 1.31 -5.32
N ALA A 358 -1.38 0.53 -4.66
CA ALA A 358 -2.14 1.06 -3.54
C ALA A 358 -1.25 1.34 -2.33
N GLY A 359 -0.21 0.54 -2.13
CA GLY A 359 0.67 0.76 -0.99
C GLY A 359 1.38 2.09 -1.05
N ALA A 360 1.75 2.53 -2.25
CA ALA A 360 2.41 3.82 -2.39
C ALA A 360 1.48 4.96 -1.98
N ILE A 361 0.20 4.87 -2.33
CA ILE A 361 -0.74 5.94 -2.01
C ILE A 361 -0.89 6.08 -0.50
N MET A 362 -1.06 4.96 0.20
CA MET A 362 -1.34 5.00 1.63
C MET A 362 -0.08 4.87 2.49
N LEU A 363 1.10 4.81 1.89
CA LEU A 363 2.32 4.83 2.69
C LEU A 363 2.49 6.17 3.40
N ALA A 364 2.08 7.26 2.74
CA ALA A 364 2.26 8.59 3.32
C ALA A 364 1.42 8.77 4.58
N MET A 365 0.28 8.06 4.66
CA MET A 365 -0.58 8.20 5.83
C MET A 365 0.15 7.76 7.10
N VAL A 366 0.92 6.68 7.01
CA VAL A 366 1.74 6.27 8.15
C VAL A 366 2.80 7.32 8.46
N LEU A 367 3.32 7.98 7.41
CA LEU A 367 4.35 8.98 7.62
C LEU A 367 3.85 10.15 8.45
N HIS A 368 2.58 10.53 8.26
CA HIS A 368 2.02 11.62 9.06
C HIS A 368 2.00 11.27 10.55
N SER A 369 1.67 10.02 10.87
CA SER A 369 1.66 9.60 12.27
C SER A 369 3.05 9.71 12.89
N VAL A 370 4.08 9.32 12.14
CA VAL A 370 5.44 9.39 12.64
C VAL A 370 5.84 10.84 12.90
N GLY A 371 5.47 11.74 11.99
CA GLY A 371 5.85 13.14 12.12
C GLY A 371 6.67 13.62 10.94
N LEU A 372 6.45 13.01 9.77
CA LEU A 372 7.19 13.33 8.54
C LEU A 372 6.17 13.68 7.46
N PRO A 373 5.65 14.90 7.44
CA PRO A 373 4.64 15.26 6.45
C PRO A 373 5.24 15.34 5.04
N LEU A 374 4.36 15.22 4.06
CA LEU A 374 4.77 15.28 2.66
C LEU A 374 5.16 16.68 2.21
N THR A 375 4.67 17.71 2.88
CA THR A 375 5.00 19.08 2.50
C THR A 375 6.48 19.40 2.70
N ASP A 376 7.17 18.65 3.54
CA ASP A 376 8.59 18.87 3.76
C ASP A 376 9.36 18.49 2.50
N PRO A 377 10.16 19.41 1.93
CA PRO A 377 10.93 19.04 0.72
C PRO A 377 11.87 17.87 0.93
N ASN A 378 12.49 17.76 2.12
CA ASN A 378 13.38 16.65 2.38
C ASN A 378 12.63 15.32 2.35
N VAL A 379 11.43 15.29 2.94
CA VAL A 379 10.64 14.07 2.92
C VAL A 379 10.21 13.73 1.50
N ALA A 380 9.87 14.74 0.70
CA ALA A 380 9.42 14.50 -0.67
C ALA A 380 10.49 13.84 -1.51
N ALA A 381 11.74 14.28 -1.34
CA ALA A 381 12.84 13.72 -2.14
C ALA A 381 13.05 12.24 -1.82
N ALA A 382 13.11 11.89 -0.54
CA ALA A 382 13.30 10.49 -0.16
C ALA A 382 12.11 9.64 -0.57
N TYR A 383 10.89 10.16 -0.40
CA TYR A 383 9.69 9.41 -0.78
C TYR A 383 9.61 9.21 -2.29
N ALA A 384 10.13 10.14 -3.07
CA ALA A 384 10.05 10.06 -4.52
C ALA A 384 10.93 8.95 -5.07
N EFC A 385 12.05 8.67 -4.41
CA EFC A 385 12.99 7.67 -4.87
CB EFC A 385 14.34 7.85 -4.18
SG EFC A 385 14.52 6.67 -2.81
SD EFC A 385 15.39 7.65 -1.16
C1 EFC A 385 17.18 7.83 -1.41
C2 EFC A 385 17.46 8.90 -2.45
F2 EFC A 385 18.81 9.13 -2.52
C EFC A 385 12.43 6.28 -4.63
O EFC A 385 12.87 5.35 -5.24
N ILE A 386 11.45 6.16 -3.75
CA ILE A 386 10.79 4.89 -3.50
C ILE A 386 9.72 4.64 -4.54
N LEU A 387 9.08 5.71 -5.01
CA LEU A 387 8.03 5.58 -6.02
C LEU A 387 8.58 4.98 -7.31
N GLY A 388 9.84 5.25 -7.64
CA GLY A 388 10.43 4.67 -8.83
C GLY A 388 10.62 3.17 -8.75
N ILE A 389 10.97 2.67 -7.56
CA ILE A 389 11.36 1.27 -7.39
C ILE A 389 10.18 0.43 -6.89
N ASP A 390 8.97 0.99 -6.87
CA ASP A 390 7.82 0.28 -6.33
C ASP A 390 7.47 -0.95 -7.15
N ALA A 391 7.62 -0.88 -8.48
CA ALA A 391 7.12 -1.95 -9.34
C ALA A 391 7.84 -3.27 -9.07
N ILE A 392 9.16 -3.23 -8.94
CA ILE A 392 9.89 -4.47 -8.70
C ILE A 392 9.58 -5.04 -7.32
N LEU A 393 9.39 -4.18 -6.31
CA LEU A 393 9.01 -4.66 -4.99
C LEU A 393 7.57 -5.16 -4.98
N ASP A 394 6.68 -4.51 -5.74
CA ASP A 394 5.29 -4.95 -5.81
C ASP A 394 5.15 -6.33 -6.45
N ARG A 395 6.18 -6.78 -7.17
CA ARG A 395 6.12 -8.10 -7.78
C ARG A 395 6.05 -9.19 -6.73
N GLY A 396 6.79 -9.03 -5.63
CA GLY A 396 6.84 -10.05 -4.60
C GLY A 396 5.74 -9.97 -3.55
N ARG A 397 5.39 -8.74 -3.13
CA ARG A 397 4.46 -8.59 -2.02
C ARG A 397 3.06 -9.08 -2.35
N THR A 398 2.69 -9.14 -3.63
CA THR A 398 1.39 -9.68 -4.00
C THR A 398 1.28 -11.15 -3.65
N MET A 399 2.37 -11.90 -3.83
CA MET A 399 2.33 -13.34 -3.56
C MET A 399 2.06 -13.62 -2.08
N VAL A 400 2.67 -12.84 -1.19
CA VAL A 400 2.47 -13.05 0.24
C VAL A 400 1.02 -12.77 0.63
N ASN A 401 0.44 -11.69 0.10
CA ASN A 401 -0.92 -11.33 0.46
C ASN A 401 -1.91 -12.40 0.04
N VAL A 402 -1.78 -12.92 -1.19
CA VAL A 402 -2.69 -13.95 -1.65
C VAL A 402 -2.43 -15.26 -0.92
N THR A 403 -1.17 -15.55 -0.59
CA THR A 403 -0.85 -16.77 0.14
C THR A 403 -1.48 -16.75 1.53
N GLY A 404 -1.43 -15.60 2.21
CA GLY A 404 -2.07 -15.50 3.51
C GLY A 404 -3.57 -15.71 3.43
N ASP A 405 -4.18 -15.26 2.33
CA ASP A 405 -5.60 -15.50 2.12
C ASP A 405 -5.90 -17.00 2.02
N LEU A 406 -5.15 -17.70 1.17
CA LEU A 406 -5.42 -19.12 0.94
C LEU A 406 -5.07 -19.95 2.16
N THR A 407 -3.94 -19.65 2.81
CA THR A 407 -3.54 -20.40 3.99
C THR A 407 -4.52 -20.20 5.15
N GLY A 408 -4.95 -18.96 5.36
CA GLY A 408 -5.82 -18.67 6.50
C GLY A 408 -7.17 -19.34 6.40
N THR A 409 -7.74 -19.40 5.20
CA THR A 409 -9.06 -20.00 5.04
C THR A 409 -9.03 -21.51 5.28
N ALA A 410 -7.91 -22.16 4.99
CA ALA A 410 -7.84 -23.61 5.12
C ALA A 410 -7.74 -24.05 6.58
N ILE A 411 -6.95 -23.34 7.39
CA ILE A 411 -6.72 -23.79 8.76
C ILE A 411 -7.99 -23.71 9.59
N VAL A 412 -8.78 -22.63 9.41
CA VAL A 412 -10.05 -22.54 10.11
C VAL A 412 -11.02 -23.61 9.60
N ALA A 413 -10.96 -23.92 8.30
CA ALA A 413 -11.81 -24.96 7.74
C ALA A 413 -11.55 -26.31 8.40
N LYS A 414 -10.29 -26.58 8.78
CA LYS A 414 -9.98 -27.83 9.46
C LYS A 414 -10.70 -27.93 10.79
N THR A 415 -10.81 -26.81 11.52
CA THR A 415 -11.49 -26.79 12.80
C THR A 415 -12.98 -27.09 12.65
N ASP B . -0.76 -5.05 -5.22
CA ASP B . -0.34 -5.24 -3.83
C ASP B . -0.95 -6.50 -3.23
O ASP B . -0.32 -7.19 -2.43
CB ASP B . -0.71 -4.02 -2.99
CG ASP B . 0.00 -2.76 -3.44
OD1 ASP B . -0.12 -1.73 -2.76
OD2 ASP B . 0.67 -2.80 -4.49
OXT ASP B . -2.10 -6.85 -3.53
NA NA C . -4.83 -10.43 0.65
NA NA D . -5.93 -3.60 2.84
NA NA E . -2.54 -10.06 8.34
#